data_9O16
#
_entry.id   9O16
#
_cell.length_a   55.190
_cell.length_b   55.190
_cell.length_c   156.700
_cell.angle_alpha   90.00
_cell.angle_beta   90.00
_cell.angle_gamma   120.00
#
_symmetry.space_group_name_H-M   'P 31 2 1'
#
loop_
_entity.id
_entity.type
_entity.pdbx_description
1 polymer 'Apoptosis regulator Bcl-2,Bcl-2-like protein 1'
2 polymer 'stapled BAD BH3 peptide BAD SAHB 4.2'
3 non-polymer IMIDAZOLE
4 non-polymer 'SULFATE ION'
5 non-polymer 'NICKEL (II) ION'
6 water water
#
loop_
_entity_poly.entity_id
_entity_poly.type
_entity_poly.pdbx_seq_one_letter_code
_entity_poly.pdbx_strand_id
1 'polypeptide(L)'
;MAHAGRTGYDNREIVMKYIHYKLSQRGYEWDAGDDVEENRTEAPEGTESEVVHLTLRQAGDDFSRRYRRDFAEMSSQLHL
TPFTARGLFATVVEELFRDGVNWGRIVAFFEFGGVMCVESVNREMSPLVDNIALWMTEYLNRHLHTWIQDNGGWDAFVEL
YGPSMR
;
A
2 'polypeptide(L)' (ACE)W(MK8)AQR(MK8)GRELRR(NLE)SDEFVDSFK B
#
loop_
_chem_comp.id
_chem_comp.type
_chem_comp.name
_chem_comp.formula
ACE non-polymer 'ACETYL GROUP' 'C2 H4 O'
IMD non-polymer IMIDAZOLE 'C3 H5 N2 1'
NI non-polymer 'NICKEL (II) ION' 'Ni 2'
SO4 non-polymer 'SULFATE ION' 'O4 S -2'
#
# COMPACT_ATOMS: atom_id res chain seq x y z
N TYR A 9 1.01 -17.83 -2.95
CA TYR A 9 -0.13 -17.15 -2.31
C TYR A 9 -1.00 -16.47 -3.37
N ASP A 10 -2.26 -16.21 -3.02
CA ASP A 10 -3.18 -15.57 -3.94
C ASP A 10 -3.13 -14.07 -3.68
N ASN A 11 -2.52 -13.33 -4.62
CA ASN A 11 -2.29 -11.91 -4.38
C ASN A 11 -3.59 -11.11 -4.32
N ARG A 12 -4.62 -11.54 -5.06
CA ARG A 12 -5.92 -10.87 -4.95
C ARG A 12 -6.48 -10.97 -3.53
N GLU A 13 -6.41 -12.17 -2.93
CA GLU A 13 -6.85 -12.37 -1.54
C GLU A 13 -6.08 -11.46 -0.58
N ILE A 14 -4.76 -11.36 -0.77
CA ILE A 14 -3.94 -10.49 0.06
C ILE A 14 -4.41 -9.06 -0.07
N VAL A 15 -4.66 -8.60 -1.30
CA VAL A 15 -5.14 -7.24 -1.49
C VAL A 15 -6.49 -7.08 -0.80
N MET A 16 -7.42 -8.00 -1.07
CA MET A 16 -8.79 -7.83 -0.60
C MET A 16 -8.86 -7.78 0.90
N LYS A 17 -8.14 -8.68 1.59
CA LYS A 17 -8.15 -8.70 3.05
C LYS A 17 -7.46 -7.47 3.62
N TYR A 18 -6.39 -7.00 2.97
CA TYR A 18 -5.71 -5.82 3.44
C TYR A 18 -6.62 -4.58 3.35
N ILE A 19 -7.24 -4.36 2.19
CA ILE A 19 -8.11 -3.21 2.02
C ILE A 19 -9.30 -3.29 2.98
N HIS A 20 -9.87 -4.49 3.14
CA HIS A 20 -11.00 -4.63 4.06
C HIS A 20 -10.61 -4.21 5.46
N TYR A 21 -9.37 -4.51 5.87
CA TYR A 21 -8.88 -4.08 7.18
C TYR A 21 -8.62 -2.58 7.23
N LYS A 22 -7.97 -2.01 6.20
CA LYS A 22 -7.78 -0.55 6.24
C LYS A 22 -9.12 0.17 6.35
N LEU A 23 -10.14 -0.31 5.63
CA LEU A 23 -11.45 0.35 5.65
C LEU A 23 -12.17 0.07 6.97
N SER A 24 -12.12 -1.17 7.49
CA SER A 24 -12.77 -1.42 8.76
C SER A 24 -12.18 -0.55 9.89
N GLN A 25 -10.91 -0.18 9.78
CA GLN A 25 -10.32 0.68 10.81
C GLN A 25 -10.90 2.08 10.77
N ARG A 26 -11.51 2.47 9.65
CA ARG A 26 -12.17 3.74 9.49
C ARG A 26 -13.68 3.64 9.73
N GLY A 27 -14.16 2.49 10.18
CA GLY A 27 -15.59 2.30 10.38
C GLY A 27 -16.37 1.93 9.14
N TYR A 28 -15.68 1.51 8.06
CA TYR A 28 -16.31 1.19 6.79
C TYR A 28 -16.15 -0.30 6.51
N GLU A 29 -17.26 -0.94 6.14
CA GLU A 29 -17.36 -2.38 5.90
C GLU A 29 -17.54 -2.56 4.39
N TRP A 30 -16.48 -2.99 3.71
CA TRP A 30 -16.46 -3.03 2.25
C TRP A 30 -16.72 -4.46 1.78
N ASP A 31 -17.81 -4.65 1.04
CA ASP A 31 -18.16 -5.97 0.49
C ASP A 31 -17.27 -6.22 -0.72
N ALA A 32 -16.26 -7.08 -0.54
CA ALA A 32 -15.14 -7.22 -1.50
C ALA A 32 -15.60 -7.60 -2.91
N VAL A 51 -0.71 -16.14 8.47
CA VAL A 51 0.40 -15.36 8.99
C VAL A 51 0.79 -14.24 8.03
N VAL A 52 0.65 -14.49 6.72
CA VAL A 52 0.99 -13.43 5.77
C VAL A 52 0.08 -12.21 5.97
N HIS A 53 -1.22 -12.43 6.12
CA HIS A 53 -2.13 -11.30 6.28
C HIS A 53 -1.80 -10.52 7.53
N LEU A 54 -1.55 -11.22 8.64
CA LEU A 54 -1.34 -10.56 9.94
C LEU A 54 -0.01 -9.82 9.97
N THR A 55 1.03 -10.40 9.38
CA THR A 55 2.31 -9.72 9.25
C THR A 55 2.19 -8.47 8.40
N LEU A 56 1.54 -8.58 7.24
CA LEU A 56 1.38 -7.40 6.41
C LEU A 56 0.57 -6.35 7.16
N ARG A 57 -0.50 -6.77 7.84
CA ARG A 57 -1.32 -5.86 8.63
C ARG A 57 -0.47 -5.08 9.63
N GLN A 58 0.33 -5.79 10.45
CA GLN A 58 1.11 -5.05 11.44
C GLN A 58 2.19 -4.21 10.79
N ALA A 59 2.85 -4.70 9.73
CA ALA A 59 3.88 -3.92 9.05
C ALA A 59 3.33 -2.61 8.52
N GLY A 60 2.17 -2.65 7.86
CA GLY A 60 1.62 -1.44 7.31
C GLY A 60 1.21 -0.47 8.40
N ASP A 61 0.65 -0.98 9.51
CA ASP A 61 0.33 -0.08 10.60
C ASP A 61 1.58 0.52 11.20
N ASP A 62 2.64 -0.29 11.36
CA ASP A 62 3.87 0.27 11.94
C ASP A 62 4.42 1.35 11.05
N PHE A 63 4.35 1.12 9.73
CA PHE A 63 4.87 2.08 8.75
C PHE A 63 4.12 3.41 8.83
N SER A 64 2.79 3.37 8.80
CA SER A 64 2.05 4.62 8.80
C SER A 64 2.04 5.30 10.18
N ARG A 65 2.16 4.54 11.28
CA ARG A 65 2.40 5.17 12.58
C ARG A 65 3.75 5.86 12.63
N ARG A 66 4.77 5.21 12.09
CA ARG A 66 6.10 5.80 12.09
C ARG A 66 6.15 7.09 11.26
N TYR A 67 5.40 7.13 10.17
CA TYR A 67 5.40 8.26 9.24
C TYR A 67 4.07 8.98 9.25
N ARG A 68 3.52 9.14 10.46
CA ARG A 68 2.19 9.70 10.64
C ARG A 68 2.07 11.09 10.02
N ARG A 69 3.05 11.96 10.28
CA ARG A 69 3.00 13.33 9.73
C ARG A 69 3.01 13.30 8.20
N ASP A 70 3.83 12.44 7.60
CA ASP A 70 3.89 12.34 6.15
C ASP A 70 2.58 11.85 5.56
N PHE A 71 1.96 10.85 6.19
CA PHE A 71 0.69 10.32 5.70
C PHE A 71 -0.43 11.33 5.85
N ALA A 72 -0.43 12.08 6.96
CA ALA A 72 -1.40 13.16 7.12
C ALA A 72 -1.25 14.17 6.00
N GLU A 73 -0.01 14.54 5.66
CA GLU A 73 0.17 15.51 4.59
C GLU A 73 -0.26 14.94 3.23
N MET A 74 0.09 13.68 2.95
CA MET A 74 -0.34 13.04 1.70
C MET A 74 -1.84 13.01 1.57
N SER A 75 -2.51 12.58 2.63
CA SER A 75 -3.98 12.49 2.62
C SER A 75 -4.63 13.83 2.35
N SER A 76 -4.06 14.93 2.88
CA SER A 76 -4.63 16.26 2.72
C SER A 76 -4.39 16.84 1.33
N GLN A 77 -3.44 16.28 0.58
CA GLN A 77 -3.17 16.76 -0.77
C GLN A 77 -3.75 15.86 -1.84
N LEU A 78 -4.31 14.71 -1.46
CA LEU A 78 -4.80 13.75 -2.45
C LEU A 78 -5.93 14.34 -3.28
N HIS A 79 -6.85 15.06 -2.64
CA HIS A 79 -7.99 15.67 -3.33
C HIS A 79 -8.63 14.68 -4.30
N LEU A 80 -8.85 13.47 -3.81
CA LEU A 80 -9.16 12.35 -4.70
C LEU A 80 -10.49 12.55 -5.40
N THR A 81 -10.51 12.38 -6.71
CA THR A 81 -11.76 12.39 -7.45
C THR A 81 -11.74 11.23 -8.43
N PRO A 82 -12.90 10.80 -8.92
CA PRO A 82 -12.88 9.77 -9.97
C PRO A 82 -12.07 10.19 -11.19
N PHE A 83 -12.03 11.50 -11.48
CA PHE A 83 -11.22 12.01 -12.58
C PHE A 83 -9.72 11.72 -12.39
N THR A 84 -9.21 11.88 -11.17
CA THR A 84 -7.77 11.82 -10.94
C THR A 84 -7.27 10.48 -10.40
N ALA A 85 -8.17 9.60 -9.98
CA ALA A 85 -7.73 8.43 -9.20
C ALA A 85 -6.75 7.54 -9.98
N ARG A 86 -7.08 7.22 -11.23
CA ARG A 86 -6.21 6.27 -11.95
C ARG A 86 -4.80 6.82 -12.15
N GLY A 87 -4.71 8.08 -12.59
CA GLY A 87 -3.39 8.69 -12.78
C GLY A 87 -2.63 8.87 -11.48
N LEU A 88 -3.33 9.26 -10.40
CA LEU A 88 -2.68 9.34 -9.10
C LEU A 88 -2.03 8.02 -8.75
N PHE A 89 -2.82 6.94 -8.81
CA PHE A 89 -2.33 5.63 -8.42
C PHE A 89 -1.11 5.26 -9.27
N ALA A 90 -1.22 5.39 -10.61
CA ALA A 90 -0.16 4.92 -11.50
C ALA A 90 1.14 5.70 -11.30
N THR A 91 1.02 7.02 -11.15
CA THR A 91 2.20 7.87 -10.99
C THR A 91 2.90 7.66 -9.66
N VAL A 92 2.13 7.58 -8.55
CA VAL A 92 2.76 7.30 -7.26
C VAL A 92 3.48 5.95 -7.30
N VAL A 93 2.81 4.92 -7.79
CA VAL A 93 3.41 3.58 -7.75
C VAL A 93 4.62 3.50 -8.66
N GLU A 94 4.56 4.11 -9.85
CA GLU A 94 5.71 4.02 -10.74
C GLU A 94 6.91 4.70 -10.11
N GLU A 95 6.69 5.83 -9.42
CA GLU A 95 7.78 6.55 -8.78
C GLU A 95 8.30 5.76 -7.60
N LEU A 96 7.42 5.08 -6.87
CA LEU A 96 7.83 4.35 -5.68
C LEU A 96 8.79 3.21 -6.01
N PHE A 97 8.58 2.55 -7.15
CA PHE A 97 9.40 1.42 -7.54
C PHE A 97 10.37 1.80 -8.65
N ARG A 98 10.65 3.11 -8.80
CA ARG A 98 11.34 3.62 -9.98
C ARG A 98 12.66 2.87 -10.21
N ASP A 99 13.46 2.73 -9.16
CA ASP A 99 14.74 2.03 -9.30
C ASP A 99 14.76 0.70 -8.55
N GLY A 100 13.61 0.07 -8.36
CA GLY A 100 13.67 -1.30 -7.90
C GLY A 100 12.70 -1.56 -6.78
N VAL A 101 12.87 -2.73 -6.16
CA VAL A 101 11.90 -3.26 -5.22
C VAL A 101 12.60 -3.70 -3.95
N ASN A 102 11.96 -3.45 -2.82
CA ASN A 102 12.29 -4.15 -1.58
C ASN A 102 11.01 -4.27 -0.77
N TRP A 103 11.11 -5.00 0.36
CA TRP A 103 9.91 -5.28 1.14
C TRP A 103 9.33 -4.02 1.77
N GLY A 104 10.17 -3.05 2.15
CA GLY A 104 9.62 -1.79 2.66
C GLY A 104 8.79 -1.06 1.62
N ARG A 105 9.27 -1.04 0.37
CA ARG A 105 8.51 -0.39 -0.70
C ARG A 105 7.19 -1.11 -0.96
N ILE A 106 7.18 -2.44 -0.83
CA ILE A 106 5.91 -3.18 -0.96
C ILE A 106 4.94 -2.83 0.18
N VAL A 107 5.43 -2.73 1.43
CA VAL A 107 4.56 -2.27 2.52
C VAL A 107 4.01 -0.87 2.20
N ALA A 108 4.87 0.02 1.68
CA ALA A 108 4.43 1.38 1.38
C ALA A 108 3.34 1.38 0.31
N PHE A 109 3.52 0.55 -0.72
CA PHE A 109 2.51 0.33 -1.77
C PHE A 109 1.16 -0.04 -1.19
N PHE A 110 1.14 -1.00 -0.27
CA PHE A 110 -0.14 -1.36 0.36
C PHE A 110 -0.71 -0.18 1.15
N GLU A 111 0.12 0.49 1.95
CA GLU A 111 -0.41 1.60 2.77
C GLU A 111 -0.90 2.75 1.91
N PHE A 112 -0.25 3.01 0.77
CA PHE A 112 -0.72 4.05 -0.13
C PHE A 112 -2.05 3.67 -0.74
N GLY A 113 -2.20 2.40 -1.15
CA GLY A 113 -3.48 1.92 -1.63
C GLY A 113 -4.56 2.08 -0.57
N GLY A 114 -4.20 1.77 0.69
CA GLY A 114 -5.12 2.01 1.79
C GLY A 114 -5.54 3.47 1.94
N VAL A 115 -4.59 4.41 1.77
CA VAL A 115 -4.90 5.84 1.83
C VAL A 115 -5.93 6.19 0.76
N MET A 116 -5.73 5.70 -0.46
CA MET A 116 -6.64 6.02 -1.55
C MET A 116 -8.03 5.46 -1.25
N CYS A 117 -8.09 4.25 -0.70
CA CYS A 117 -9.39 3.64 -0.36
C CYS A 117 -10.09 4.41 0.76
N VAL A 118 -9.38 4.77 1.84
CA VAL A 118 -10.02 5.54 2.91
C VAL A 118 -10.52 6.88 2.38
N GLU A 119 -9.71 7.55 1.56
CA GLU A 119 -10.18 8.83 1.02
C GLU A 119 -11.40 8.63 0.14
N SER A 120 -11.47 7.48 -0.55
CA SER A 120 -12.61 7.19 -1.42
C SER A 120 -13.90 7.15 -0.63
N VAL A 121 -13.92 6.40 0.47
CA VAL A 121 -15.17 6.28 1.21
C VAL A 121 -15.47 7.58 1.96
N ASN A 122 -14.42 8.27 2.45
CA ASN A 122 -14.61 9.53 3.17
C ASN A 122 -15.25 10.58 2.29
N ARG A 123 -15.03 10.51 1.00
CA ARG A 123 -15.47 11.52 0.05
C ARG A 123 -16.69 11.05 -0.73
N GLU A 124 -17.39 10.04 -0.20
CA GLU A 124 -18.59 9.49 -0.82
C GLU A 124 -18.31 9.05 -2.26
N MET A 125 -17.11 8.49 -2.48
CA MET A 125 -16.73 7.91 -3.76
C MET A 125 -16.41 6.44 -3.57
N SER A 126 -17.23 5.73 -2.80
CA SER A 126 -16.88 4.35 -2.45
C SER A 126 -16.74 3.40 -3.64
N PRO A 127 -17.38 3.61 -4.80
CA PRO A 127 -17.08 2.72 -5.94
C PRO A 127 -15.62 2.69 -6.31
N LEU A 128 -14.85 3.75 -5.99
CA LEU A 128 -13.44 3.75 -6.37
C LEU A 128 -12.65 2.68 -5.63
N VAL A 129 -13.14 2.20 -4.48
CA VAL A 129 -12.44 1.16 -3.75
C VAL A 129 -12.28 -0.08 -4.63
N ASP A 130 -13.34 -0.44 -5.35
CA ASP A 130 -13.27 -1.59 -6.24
C ASP A 130 -12.20 -1.40 -7.31
N ASN A 131 -12.10 -0.19 -7.85
CA ASN A 131 -11.08 0.07 -8.84
C ASN A 131 -9.69 -0.04 -8.24
N ILE A 132 -9.49 0.60 -7.08
CA ILE A 132 -8.17 0.60 -6.47
C ILE A 132 -7.72 -0.83 -6.16
N ALA A 133 -8.65 -1.68 -5.67
CA ALA A 133 -8.29 -3.07 -5.40
C ALA A 133 -7.85 -3.79 -6.68
N LEU A 134 -8.54 -3.52 -7.80
CA LEU A 134 -8.14 -4.09 -9.09
C LEU A 134 -6.75 -3.63 -9.49
N TRP A 135 -6.48 -2.34 -9.34
CA TRP A 135 -5.18 -1.78 -9.71
C TRP A 135 -4.08 -2.38 -8.86
N MET A 136 -4.33 -2.52 -7.57
CA MET A 136 -3.34 -3.12 -6.69
C MET A 136 -3.10 -4.58 -7.02
N THR A 137 -4.15 -5.33 -7.32
CA THR A 137 -3.97 -6.73 -7.68
C THR A 137 -3.19 -6.86 -8.99
N GLU A 138 -3.53 -6.04 -9.99
CA GLU A 138 -2.81 -6.06 -11.26
C GLU A 138 -1.33 -5.69 -11.07
N TYR A 139 -1.02 -4.74 -10.21
CA TYR A 139 0.39 -4.38 -10.03
C TYR A 139 1.16 -5.47 -9.31
N LEU A 140 0.57 -6.06 -8.27
CA LEU A 140 1.23 -7.17 -7.56
C LEU A 140 1.45 -8.37 -8.48
N ASN A 141 0.42 -8.75 -9.25
CA ASN A 141 0.52 -9.95 -10.07
C ASN A 141 1.43 -9.76 -11.30
N ARG A 142 1.38 -8.59 -11.92
CA ARG A 142 1.94 -8.43 -13.24
C ARG A 142 3.16 -7.54 -13.28
N HIS A 143 3.52 -6.93 -12.13
CA HIS A 143 4.70 -6.09 -12.03
C HIS A 143 5.62 -6.50 -10.91
N LEU A 144 5.10 -6.88 -9.74
CA LEU A 144 5.93 -7.22 -8.60
C LEU A 144 6.18 -8.72 -8.46
N HIS A 145 5.45 -9.54 -9.22
CA HIS A 145 5.51 -10.99 -9.03
C HIS A 145 6.92 -11.54 -9.21
N THR A 146 7.61 -11.17 -10.30
CA THR A 146 8.88 -11.82 -10.51
C THR A 146 9.87 -11.44 -9.41
N TRP A 147 9.80 -10.21 -8.88
CA TRP A 147 10.67 -9.85 -7.76
C TRP A 147 10.30 -10.64 -6.52
N ILE A 148 9.00 -10.72 -6.21
CA ILE A 148 8.62 -11.47 -5.02
C ILE A 148 9.09 -12.91 -5.11
N GLN A 149 8.91 -13.52 -6.29
CA GLN A 149 9.36 -14.90 -6.46
C GLN A 149 10.87 -15.02 -6.33
N ASP A 150 11.62 -14.06 -6.86
CA ASP A 150 13.07 -14.20 -6.84
C ASP A 150 13.66 -13.94 -5.47
N ASN A 151 12.85 -13.45 -4.52
CA ASN A 151 13.32 -13.05 -3.20
C ASN A 151 12.63 -13.86 -2.11
N GLY A 152 12.27 -15.11 -2.42
CA GLY A 152 11.77 -16.03 -1.43
C GLY A 152 10.27 -16.02 -1.17
N GLY A 153 9.51 -15.24 -1.93
CA GLY A 153 8.07 -15.21 -1.81
C GLY A 153 7.62 -14.52 -0.53
N TRP A 154 6.30 -14.57 -0.31
CA TRP A 154 5.73 -13.95 0.90
C TRP A 154 6.26 -14.59 2.17
N ASP A 155 6.65 -15.87 2.10
CA ASP A 155 7.25 -16.52 3.26
C ASP A 155 8.51 -15.79 3.69
N ALA A 156 9.28 -15.27 2.73
CA ALA A 156 10.49 -14.51 3.09
C ALA A 156 10.12 -13.24 3.84
N PHE A 157 9.05 -12.58 3.42
CA PHE A 157 8.60 -11.39 4.13
C PHE A 157 8.18 -11.72 5.55
N VAL A 158 7.42 -12.80 5.73
CA VAL A 158 7.03 -13.22 7.07
C VAL A 158 8.26 -13.45 7.93
N GLU A 159 9.27 -14.14 7.38
CA GLU A 159 10.50 -14.38 8.11
C GLU A 159 11.22 -13.08 8.48
N LEU A 160 11.30 -12.14 7.53
CA LEU A 160 12.05 -10.91 7.79
C LEU A 160 11.38 -10.06 8.85
N TYR A 161 10.07 -9.90 8.76
CA TYR A 161 9.37 -9.01 9.69
C TYR A 161 9.01 -9.71 10.99
N GLY A 162 9.15 -11.03 11.08
CA GLY A 162 8.73 -11.77 12.24
C GLY A 162 9.27 -11.23 13.56
N PRO A 163 10.57 -10.91 13.62
CA PRO A 163 11.10 -10.38 14.88
C PRO A 163 10.45 -9.06 15.32
N SER A 164 9.82 -8.32 14.39
CA SER A 164 9.10 -7.10 14.71
C SER A 164 7.63 -7.32 15.07
N MET A 165 7.13 -8.55 15.03
CA MET A 165 5.73 -8.83 15.32
C MET A 165 5.45 -8.76 16.83
N ARG A 166 4.22 -8.34 17.17
CA ARG A 166 3.72 -8.19 18.55
C ARG A 166 4.56 -7.21 19.36
C ACE B 1 3.56 19.74 -7.76
O ACE B 1 4.06 20.75 -7.21
CH3 ACE B 1 2.12 19.47 -7.65
N TRP B 2 4.22 18.81 -8.44
CA TRP B 2 3.52 17.68 -9.04
C TRP B 2 3.29 16.62 -7.99
C MK8 B 3 2.18 14.40 -6.27
N MK8 B 3 2.05 16.53 -7.55
O MK8 B 3 2.82 13.97 -5.28
CA MK8 B 3 1.75 15.88 -6.27
CB MK8 B 3 0.23 16.04 -6.02
CD MK8 B 3 -0.74 14.03 -4.81
CE MK8 B 3 -1.12 13.56 -3.44
CG MK8 B 3 -0.32 15.47 -4.73
CB1 MK8 B 3 2.49 16.67 -5.19
N ALA B 4 1.79 13.64 -7.28
CA ALA B 4 1.97 12.18 -7.22
C ALA B 4 3.46 11.84 -7.28
N GLN B 5 4.18 12.54 -8.13
CA GLN B 5 5.63 12.34 -8.19
C GLN B 5 6.27 12.61 -6.83
N ARG B 6 5.89 13.68 -6.16
CA ARG B 6 6.38 13.94 -4.80
C ARG B 6 6.02 12.84 -3.80
C MK8 B 7 5.16 10.08 -3.10
N MK8 B 7 4.74 12.45 -3.74
O MK8 B 7 5.63 9.47 -2.11
CA MK8 B 7 4.31 11.34 -2.85
CB MK8 B 7 2.84 10.90 -3.03
CD MK8 B 7 0.41 11.51 -3.20
CE MK8 B 7 -0.68 12.47 -2.82
CG MK8 B 7 1.77 11.93 -2.71
CB1 MK8 B 7 4.49 11.82 -1.41
N GLY B 8 5.30 9.67 -4.36
CA GLY B 8 6.07 8.46 -4.64
C GLY B 8 7.52 8.57 -4.20
N ARG B 9 8.15 9.73 -4.42
CA ARG B 9 9.54 9.91 -4.00
C ARG B 9 9.67 9.82 -2.47
N GLU B 10 8.77 10.48 -1.74
CA GLU B 10 8.82 10.40 -0.28
C GLU B 10 8.51 9.00 0.21
N LEU B 11 7.52 8.33 -0.37
CA LEU B 11 7.25 6.95 0.04
C LEU B 11 8.46 6.06 -0.21
N ARG B 12 9.16 6.28 -1.32
CA ARG B 12 10.37 5.51 -1.60
C ARG B 12 11.43 5.74 -0.51
N ARG B 13 11.71 7.00 -0.17
CA ARG B 13 12.68 7.29 0.90
C ARG B 13 12.29 6.66 2.23
N NLE B 14 11.04 6.86 2.64
CA NLE B 14 10.54 6.25 3.87
C NLE B 14 10.66 4.74 3.83
O NLE B 14 11.01 4.11 4.84
CB NLE B 14 9.10 6.64 4.10
CG NLE B 14 9.03 8.15 4.38
CD NLE B 14 7.63 8.67 4.62
CE NLE B 14 6.66 8.38 3.50
N SER B 15 10.35 4.16 2.69
CA SER B 15 10.36 2.69 2.55
C SER B 15 11.73 2.15 2.84
N ASP B 16 12.73 2.85 2.29
CA ASP B 16 14.10 2.39 2.38
C ASP B 16 14.65 2.54 3.78
N GLU B 17 14.26 3.61 4.47
CA GLU B 17 14.49 3.74 5.91
C GLU B 17 13.82 2.61 6.68
N PHE B 18 12.54 2.37 6.43
CA PHE B 18 11.76 1.36 7.16
C PHE B 18 12.37 -0.03 7.04
N VAL B 19 12.75 -0.43 5.82
CA VAL B 19 13.25 -1.79 5.66
C VAL B 19 14.57 -1.94 6.41
N ASP B 20 15.35 -0.86 6.50
CA ASP B 20 16.54 -0.88 7.33
C ASP B 20 16.22 -1.14 8.80
N SER B 21 15.01 -0.84 9.25
CA SER B 21 14.68 -0.98 10.67
C SER B 21 14.27 -2.40 11.06
N PHE B 22 14.19 -3.33 10.12
CA PHE B 22 13.69 -4.66 10.45
C PHE B 22 14.62 -5.36 11.44
N1 IMD C . -0.50 -2.36 -16.84
C2 IMD C . 0.30 -1.32 -16.99
N3 IMD C . -0.46 -0.23 -17.03
C4 IMD C . -1.77 -0.58 -16.90
C5 IMD C . -1.79 -1.94 -16.79
S SO4 D . -10.36 -8.93 11.61
O1 SO4 D . -9.30 -9.22 12.60
O2 SO4 D . -10.15 -7.58 10.99
O3 SO4 D . -10.35 -9.93 10.49
O4 SO4 D . -11.69 -9.02 12.31
NI NI E . 0.42 -3.79 -15.79
NI NI F . -15.80 -7.11 7.57
N1 IMD G . 12.92 10.31 6.31
C2 IMD G . 13.09 10.24 4.99
N3 IMD G . 11.91 10.47 4.43
C4 IMD G . 10.98 10.68 5.40
C5 IMD G . 11.61 10.59 6.60
NI NI H . 13.48 9.67 8.08
#